data_3WHR
#
_entry.id   3WHR
#
_cell.length_a   58.786
_cell.length_b   71.802
_cell.length_c   142.416
_cell.angle_alpha   90.00
_cell.angle_beta   90.00
_cell.angle_gamma   90.00
#
_symmetry.space_group_name_H-M   'P 21 21 21'
#
loop_
_entity.id
_entity.type
_entity.pdbx_description
1 polymer 'Gamma-glutamyltranspeptidase large chain'
2 polymer 'Gamma-glutamyltranspeptidase small chain'
3 water water
#
loop_
_entity_poly.entity_id
_entity_poly.type
_entity_poly.pdbx_seq_one_letter_code
_entity_poly.pdbx_strand_id
1 'polypeptide(L)'
;MNHKVHHHHHHIEGRHMKRTWNVCLTALLSVLLVAGSVPFHAEAKKPPKSYDEYKQVDVGKDGMVATAHPLASEIGADVL
KKGGNAIDAAVAIQFALNVTEPMMSGIGGGGFMMVYDGKTKDTTIIDSRERAPAGATPDMFLDENGKAIPFSERVTKGTA
VGVPGTLKGLEEALDKWGTRSMKQLITPSIKLAEKGFPIDSVLAEAISDYQEKLSRTAAKDVFLPNGEPLKEGDTLIQKD
LAKTFKLIRSKGTDAFYKGKFAKTLSDTVQDFGGSMTEKDLENYDITIDEPIWGDYQGYQIATTPPPSSGGIFLLQMLKI
LDHFNLSQYDVRSWEKYQLLAETMHLSYADRASYAGDPEFVNVPLKGLLHPDYIKERQQLINLDQVNKKPKAGDPWKYQE
GSANYKQVEQPKDKVEGQ
;
A
2 'polypeptide(L)'
;TTHFTVADRWGNVVSYTTTIEQLFGTGIMVPDYGVILNNELTDFDAIPGGANEVQPNKRPLSSMTPTILFKDDKPVLTVG
SPGGATIISSVLQTILYHIEYGMELKAAVEEPRIYTNSMSSYRYEDGVPKDVLSKLNGMGHKFGTSPVDIGNVQSISIDH
ENGTFKGVADSSRNGAAIGINLKRK
;
B
#
# COMPACT_ATOMS: atom_id res chain seq x y z
N GLU A 53 6.05 -11.21 25.51
CA GLU A 53 6.19 -11.23 24.02
C GLU A 53 5.00 -10.57 23.34
N TYR A 54 5.16 -10.29 22.04
CA TYR A 54 4.17 -9.53 21.31
C TYR A 54 2.99 -10.35 20.83
N LYS A 55 1.84 -9.71 20.70
CA LYS A 55 0.59 -10.36 20.30
C LYS A 55 0.08 -9.79 18.99
N GLN A 56 -0.66 -10.60 18.24
CA GLN A 56 -1.28 -10.14 17.01
C GLN A 56 -2.72 -9.67 17.19
N VAL A 57 -3.22 -9.73 18.42
CA VAL A 57 -4.51 -9.13 18.77
C VAL A 57 -4.34 -8.53 20.15
N ASP A 58 -4.76 -7.29 20.31
CA ASP A 58 -4.71 -6.65 21.62
C ASP A 58 -5.91 -5.71 21.79
N VAL A 59 -6.20 -5.35 23.03
CA VAL A 59 -7.24 -4.39 23.35
C VAL A 59 -6.64 -3.31 24.26
N GLY A 60 -7.20 -2.10 24.21
CA GLY A 60 -6.75 -1.01 25.04
C GLY A 60 -7.85 0.02 25.25
N LYS A 61 -7.71 0.80 26.32
CA LYS A 61 -8.70 1.82 26.64
C LYS A 61 -8.36 3.19 26.07
N ASP A 62 -7.06 3.46 25.87
CA ASP A 62 -6.60 4.82 25.56
C ASP A 62 -5.87 4.95 24.24
N GLY A 63 -5.90 3.89 23.44
CA GLY A 63 -5.34 3.95 22.09
C GLY A 63 -4.90 2.59 21.63
N MET A 64 -4.41 2.53 20.39
CA MET A 64 -4.03 1.26 19.79
C MET A 64 -3.06 1.51 18.65
N VAL A 65 -2.11 0.60 18.52
CA VAL A 65 -1.16 0.58 17.41
C VAL A 65 -1.17 -0.82 16.79
N ALA A 66 -1.17 -0.89 15.46
CA ALA A 66 -0.96 -2.17 14.79
C ALA A 66 -0.05 -1.96 13.59
N THR A 67 1.09 -2.66 13.58
CA THR A 67 2.07 -2.56 12.50
C THR A 67 2.65 -3.94 12.19
N ALA A 68 3.37 -4.04 11.08
CA ALA A 68 3.96 -5.30 10.64
C ALA A 68 5.27 -5.68 11.33
N HIS A 69 5.77 -4.84 12.25
CA HIS A 69 7.02 -5.17 12.93
C HIS A 69 6.92 -4.79 14.41
N PRO A 70 7.24 -5.74 15.31
CA PRO A 70 7.08 -5.45 16.74
C PRO A 70 7.88 -4.23 17.25
N LEU A 71 9.06 -3.98 16.69
CA LEU A 71 9.86 -2.85 17.17
C LEU A 71 9.23 -1.51 16.76
N ALA A 72 8.61 -1.50 15.59
CA ALA A 72 7.85 -0.32 15.16
C ALA A 72 6.58 -0.13 15.99
N SER A 73 5.87 -1.22 16.30
CA SER A 73 4.71 -1.11 17.16
C SER A 73 5.10 -0.59 18.53
N GLU A 74 6.22 -1.08 19.06
CA GLU A 74 6.71 -0.63 20.36
C GLU A 74 6.98 0.87 20.37
N ILE A 75 7.64 1.34 19.32
CA ILE A 75 7.97 2.77 19.20
C ILE A 75 6.69 3.62 19.12
N GLY A 76 5.74 3.17 18.29
CA GLY A 76 4.46 3.89 18.19
C GLY A 76 3.72 3.94 19.50
N ALA A 77 3.68 2.81 20.19
CA ALA A 77 3.02 2.73 21.49
C ALA A 77 3.66 3.66 22.52
N ASP A 78 4.99 3.70 22.53
CA ASP A 78 5.74 4.56 23.42
C ASP A 78 5.40 6.02 23.18
N VAL A 79 5.23 6.41 21.92
CA VAL A 79 4.85 7.79 21.62
C VAL A 79 3.50 8.14 22.26
N LEU A 80 2.52 7.23 22.11
CA LEU A 80 1.20 7.43 22.70
C LEU A 80 1.29 7.45 24.23
N LYS A 81 2.09 6.57 24.79
CA LYS A 81 2.24 6.50 26.26
C LYS A 81 2.81 7.81 26.80
N LYS A 82 3.70 8.43 26.04
CA LYS A 82 4.37 9.66 26.45
C LYS A 82 3.58 10.93 26.13
N GLY A 83 2.36 10.75 25.61
CA GLY A 83 1.40 11.84 25.44
C GLY A 83 1.25 12.36 24.03
N GLY A 84 1.92 11.69 23.09
CA GLY A 84 1.78 12.05 21.67
C GLY A 84 0.44 11.60 21.13
N ASN A 85 0.09 12.11 19.95
CA ASN A 85 -1.15 11.69 19.31
C ASN A 85 -0.92 10.67 18.20
N ALA A 86 -2.00 10.25 17.55
CA ALA A 86 -1.91 9.18 16.57
C ALA A 86 -1.04 9.55 15.37
N ILE A 87 -1.01 10.84 15.05
CA ILE A 87 -0.18 11.32 13.94
C ILE A 87 1.30 11.29 14.33
N ASP A 88 1.63 11.85 15.51
CA ASP A 88 2.98 11.74 16.06
C ASP A 88 3.47 10.28 16.02
N ALA A 89 2.63 9.37 16.51
CA ALA A 89 3.00 7.97 16.59
C ALA A 89 3.20 7.38 15.19
N ALA A 90 2.30 7.72 14.27
CA ALA A 90 2.40 7.25 12.89
C ALA A 90 3.71 7.68 12.21
N VAL A 91 4.12 8.93 12.46
CA VAL A 91 5.38 9.41 11.92
C VAL A 91 6.56 8.61 12.52
N ALA A 92 6.56 8.42 13.84
CA ALA A 92 7.63 7.61 14.48
C ALA A 92 7.65 6.19 13.92
N ILE A 93 6.46 5.65 13.67
CA ILE A 93 6.34 4.28 13.14
C ILE A 93 6.93 4.18 11.74
N GLN A 94 6.65 5.17 10.88
CA GLN A 94 7.21 5.13 9.52
C GLN A 94 8.75 5.11 9.57
N PHE A 95 9.35 5.95 10.41
CA PHE A 95 10.81 5.90 10.51
C PHE A 95 11.28 4.54 11.02
N ALA A 96 10.56 3.98 11.99
CA ALA A 96 10.96 2.69 12.57
C ALA A 96 10.86 1.55 11.56
N LEU A 97 9.80 1.55 10.75
CA LEU A 97 9.65 0.56 9.70
C LEU A 97 10.69 0.73 8.59
N ASN A 98 11.08 1.97 8.34
CA ASN A 98 12.14 2.24 7.37
C ASN A 98 13.42 1.50 7.78
N VAL A 99 13.65 1.40 9.09
CA VAL A 99 14.84 0.72 9.60
C VAL A 99 14.64 -0.79 9.73
N THR A 100 13.51 -1.22 10.30
CA THR A 100 13.32 -2.62 10.74
C THR A 100 12.67 -3.51 9.68
N GLU A 101 11.92 -2.88 8.77
CA GLU A 101 11.28 -3.55 7.64
C GLU A 101 11.73 -2.82 6.36
N PRO A 102 13.04 -2.77 6.12
CA PRO A 102 13.61 -1.86 5.13
C PRO A 102 13.29 -2.22 3.68
N MET A 103 12.86 -3.46 3.45
CA MET A 103 12.49 -3.86 2.09
C MET A 103 11.11 -3.36 1.67
N MET A 104 10.31 -2.88 2.64
CA MET A 104 8.89 -2.62 2.37
C MET A 104 8.50 -1.16 2.23
N SER A 105 9.25 -0.24 2.83
CA SER A 105 8.87 1.18 2.82
C SER A 105 10.00 2.05 3.37
N GLY A 106 9.89 3.36 3.18
CA GLY A 106 10.83 4.28 3.80
C GLY A 106 10.95 5.58 3.06
N ILE A 107 11.96 6.37 3.42
CA ILE A 107 12.10 7.71 2.85
C ILE A 107 12.51 7.69 1.38
N GLY A 108 12.84 6.49 0.88
CA GLY A 108 13.10 6.31 -0.55
C GLY A 108 11.86 6.01 -1.37
N GLY A 109 10.69 6.05 -0.75
CA GLY A 109 9.45 5.72 -1.45
C GLY A 109 8.33 6.72 -1.26
N GLY A 110 7.11 6.23 -1.18
CA GLY A 110 5.92 7.08 -1.06
C GLY A 110 4.74 6.29 -0.57
N GLY A 111 3.66 6.99 -0.24
CA GLY A 111 2.49 6.32 0.32
C GLY A 111 1.24 7.16 0.38
N PHE A 112 0.21 6.61 1.02
CA PHE A 112 -1.06 7.31 1.21
C PHE A 112 -1.43 7.21 2.69
N MET A 113 -1.52 8.35 3.35
CA MET A 113 -1.75 8.41 4.79
C MET A 113 -3.10 9.02 5.01
N MET A 114 -4.08 8.20 5.43
CA MET A 114 -5.42 8.71 5.68
C MET A 114 -5.54 9.04 7.17
N VAL A 115 -6.01 10.24 7.45
CA VAL A 115 -6.11 10.74 8.81
C VAL A 115 -7.51 11.29 9.07
N TYR A 116 -8.15 10.75 10.11
CA TYR A 116 -9.38 11.33 10.66
C TYR A 116 -8.97 12.18 11.86
N ASP A 117 -9.35 13.45 11.81
CA ASP A 117 -8.98 14.45 12.81
C ASP A 117 -10.12 14.51 13.84
N GLY A 118 -9.81 14.14 15.08
CA GLY A 118 -10.81 14.02 16.13
C GLY A 118 -11.39 15.36 16.58
N LYS A 119 -10.69 16.44 16.28
CA LYS A 119 -11.16 17.78 16.64
C LYS A 119 -12.07 18.36 15.57
N THR A 120 -11.62 18.34 14.31
CA THR A 120 -12.37 18.95 13.21
C THR A 120 -13.41 17.99 12.61
N LYS A 121 -13.21 16.69 12.85
CA LYS A 121 -14.06 15.62 12.31
C LYS A 121 -13.91 15.46 10.79
N ASP A 122 -12.83 16.02 10.24
CA ASP A 122 -12.53 15.88 8.80
C ASP A 122 -11.59 14.72 8.56
N THR A 123 -11.76 14.07 7.39
CA THR A 123 -10.86 12.99 6.96
C THR A 123 -10.10 13.48 5.74
N THR A 124 -8.77 13.32 5.79
CA THR A 124 -7.83 13.92 4.85
C THR A 124 -6.83 12.83 4.45
N ILE A 125 -6.33 12.87 3.21
CA ILE A 125 -5.25 11.97 2.81
C ILE A 125 -4.00 12.77 2.47
N ILE A 126 -2.87 12.46 3.12
CA ILE A 126 -1.58 12.99 2.67
C ILE A 126 -1.07 12.02 1.63
N ASP A 127 -1.03 12.48 0.39
CA ASP A 127 -0.64 11.65 -0.75
C ASP A 127 0.83 11.95 -1.12
N SER A 128 1.71 11.04 -0.67
CA SER A 128 3.14 11.19 -0.93
C SER A 128 3.61 10.23 -2.03
N ARG A 129 2.69 9.85 -2.93
CA ARG A 129 3.08 9.06 -4.08
C ARG A 129 4.18 9.77 -4.88
N GLU A 130 5.17 9.00 -5.32
CA GLU A 130 6.28 9.52 -6.11
C GLU A 130 5.86 10.11 -7.46
N ARG A 131 6.65 11.07 -7.92
CA ARG A 131 6.46 11.68 -9.24
C ARG A 131 7.52 11.22 -10.22
N ALA A 132 7.12 11.03 -11.47
CA ALA A 132 8.10 10.85 -12.53
C ALA A 132 8.94 12.11 -12.67
N PRO A 133 10.26 11.96 -12.86
CA PRO A 133 11.09 13.14 -13.10
C PRO A 133 10.73 13.86 -14.38
N ALA A 134 11.19 15.10 -14.52
CA ALA A 134 10.92 15.92 -15.69
C ALA A 134 11.44 15.27 -16.98
N GLY A 135 12.51 14.47 -16.88
CA GLY A 135 13.10 13.82 -18.04
C GLY A 135 12.50 12.48 -18.40
N ALA A 136 11.47 12.05 -17.66
CA ALA A 136 10.77 10.82 -17.98
C ALA A 136 10.09 10.95 -19.34
N THR A 137 10.00 9.85 -20.07
CA THR A 137 9.31 9.83 -21.36
C THR A 137 8.32 8.66 -21.41
N PRO A 138 7.21 8.82 -22.15
CA PRO A 138 6.21 7.76 -22.27
C PRO A 138 6.77 6.38 -22.65
N ASP A 139 7.86 6.36 -23.43
CA ASP A 139 8.46 5.11 -23.93
C ASP A 139 9.71 4.67 -23.18
N MET A 140 9.95 5.21 -21.98
CA MET A 140 11.21 4.97 -21.28
C MET A 140 11.45 3.51 -20.86
N PHE A 141 10.37 2.72 -20.77
CA PHE A 141 10.47 1.31 -20.40
C PHE A 141 10.45 0.37 -21.59
N LEU A 142 10.60 0.95 -22.79
CA LEU A 142 10.62 0.17 -24.02
C LEU A 142 12.03 0.04 -24.58
N ASP A 143 12.29 -1.11 -25.20
CA ASP A 143 13.53 -1.30 -25.94
C ASP A 143 13.46 -0.60 -27.31
N GLU A 144 14.51 -0.77 -28.13
CA GLU A 144 14.58 -0.06 -29.40
C GLU A 144 13.50 -0.52 -30.38
N ASN A 145 12.96 -1.71 -30.14
CA ASN A 145 11.87 -2.31 -30.93
C ASN A 145 10.48 -1.95 -30.40
N GLY A 146 10.43 -1.13 -29.36
CA GLY A 146 9.15 -0.66 -28.81
C GLY A 146 8.42 -1.68 -27.99
N LYS A 147 9.12 -2.71 -27.52
CA LYS A 147 8.54 -3.70 -26.60
C LYS A 147 9.06 -3.52 -25.18
N ALA A 148 8.26 -3.95 -24.21
CA ALA A 148 8.61 -3.72 -22.82
C ALA A 148 9.91 -4.42 -22.41
N ILE A 149 10.76 -3.71 -21.69
CA ILE A 149 11.89 -4.31 -21.03
C ILE A 149 11.34 -5.31 -20.01
N PRO A 150 11.84 -6.58 -20.02
CA PRO A 150 11.30 -7.60 -19.11
C PRO A 150 11.20 -7.08 -17.68
N PHE A 151 10.07 -7.36 -17.04
CA PHE A 151 9.77 -6.76 -15.73
C PHE A 151 10.88 -6.92 -14.71
N SER A 152 11.43 -8.13 -14.58
CA SER A 152 12.45 -8.38 -13.56
C SER A 152 13.69 -7.50 -13.74
N GLU A 153 14.00 -7.12 -14.99
CA GLU A 153 15.10 -6.21 -15.25
C GLU A 153 14.66 -4.73 -15.20
N ARG A 154 13.44 -4.46 -15.64
CA ARG A 154 12.87 -3.11 -15.64
C ARG A 154 12.90 -2.48 -14.24
N VAL A 155 12.58 -3.26 -13.22
CA VAL A 155 12.51 -2.73 -11.85
C VAL A 155 13.86 -2.34 -11.25
N THR A 156 14.97 -2.75 -11.93
CA THR A 156 16.31 -2.45 -11.42
C THR A 156 16.95 -1.22 -12.07
N LYS A 157 16.23 -0.62 -13.02
CA LYS A 157 16.75 0.50 -13.82
C LYS A 157 16.52 1.83 -13.12
N GLY A 158 17.38 2.80 -13.41
CA GLY A 158 17.26 4.13 -12.84
C GLY A 158 16.01 4.85 -13.29
N THR A 159 15.50 4.48 -14.48
CA THR A 159 14.23 5.02 -14.97
C THR A 159 13.04 4.66 -14.08
N ALA A 160 13.20 3.62 -13.25
CA ALA A 160 12.11 3.19 -12.36
C ALA A 160 11.96 4.05 -11.11
N VAL A 161 12.96 4.88 -10.81
CA VAL A 161 12.98 5.60 -9.54
C VAL A 161 12.12 6.86 -9.59
N GLY A 162 11.02 6.86 -8.84
CA GLY A 162 10.21 8.07 -8.71
C GLY A 162 10.83 9.02 -7.69
N VAL A 163 10.54 10.31 -7.82
CA VAL A 163 11.01 11.28 -6.83
C VAL A 163 10.34 10.91 -5.50
N PRO A 164 11.13 10.56 -4.46
CA PRO A 164 10.52 10.07 -3.22
C PRO A 164 9.70 11.12 -2.48
N GLY A 165 8.54 10.67 -1.97
CA GLY A 165 7.61 11.54 -1.24
C GLY A 165 7.44 11.30 0.25
N THR A 166 7.80 10.11 0.74
CA THR A 166 7.52 9.75 2.12
C THR A 166 7.92 10.82 3.13
N LEU A 167 9.16 11.30 3.04
CA LEU A 167 9.63 12.27 4.04
C LEU A 167 8.82 13.57 4.00
N LYS A 168 8.50 14.03 2.80
CA LYS A 168 7.69 15.23 2.64
C LYS A 168 6.31 15.01 3.25
N GLY A 169 5.80 13.78 3.11
CA GLY A 169 4.49 13.46 3.67
C GLY A 169 4.52 13.50 5.19
N LEU A 170 5.60 13.01 5.78
CA LEU A 170 5.75 13.01 7.24
C LEU A 170 5.81 14.44 7.75
N GLU A 171 6.58 15.28 7.06
CA GLU A 171 6.67 16.69 7.40
C GLU A 171 5.30 17.37 7.38
N GLU A 172 4.53 17.09 6.33
CA GLU A 172 3.20 17.67 6.20
C GLU A 172 2.27 17.21 7.33
N ALA A 173 2.33 15.91 7.65
CA ALA A 173 1.52 15.37 8.73
C ALA A 173 1.79 16.08 10.06
N LEU A 174 3.07 16.29 10.37
CA LEU A 174 3.43 16.98 11.60
C LEU A 174 3.02 18.46 11.56
N ASP A 175 3.11 19.08 10.38
CA ASP A 175 2.70 20.48 10.27
C ASP A 175 1.21 20.64 10.58
N LYS A 176 0.42 19.67 10.14
CA LYS A 176 -1.04 19.75 10.29
C LYS A 176 -1.50 19.31 11.67
N TRP A 177 -0.89 18.26 12.21
CA TRP A 177 -1.42 17.60 13.42
C TRP A 177 -0.40 17.31 14.52
N GLY A 178 0.87 17.52 14.24
CA GLY A 178 1.94 17.11 15.16
C GLY A 178 1.94 17.85 16.49
N THR A 179 2.32 17.13 17.55
CA THR A 179 2.60 17.77 18.85
C THR A 179 4.03 17.45 19.33
N ARG A 180 4.72 16.61 18.56
CA ARG A 180 6.13 16.29 18.79
C ARG A 180 6.89 16.67 17.52
N SER A 181 8.11 17.17 17.66
CA SER A 181 8.89 17.55 16.50
C SER A 181 9.42 16.32 15.76
N MET A 182 9.78 16.50 14.50
CA MET A 182 10.44 15.43 13.77
C MET A 182 11.74 15.00 14.45
N LYS A 183 12.42 15.94 15.11
CA LYS A 183 13.65 15.61 15.85
C LYS A 183 13.38 14.55 16.92
N GLN A 184 12.33 14.74 17.70
CA GLN A 184 11.94 13.77 18.72
C GLN A 184 11.55 12.43 18.13
N LEU A 185 10.72 12.49 17.08
CA LEU A 185 10.10 11.26 16.55
C LEU A 185 11.04 10.40 15.74
N ILE A 186 12.08 11.02 15.15
CA ILE A 186 13.05 10.27 14.35
C ILE A 186 14.13 9.61 15.24
N THR A 187 14.31 10.14 16.45
CA THR A 187 15.39 9.68 17.33
C THR A 187 15.42 8.17 17.62
N PRO A 188 14.27 7.56 17.97
CA PRO A 188 14.31 6.12 18.22
C PRO A 188 14.80 5.32 17.02
N SER A 189 14.53 5.82 15.81
CA SER A 189 14.96 5.13 14.60
C SER A 189 16.43 5.37 14.27
N ILE A 190 16.94 6.55 14.61
CA ILE A 190 18.38 6.79 14.51
C ILE A 190 19.10 5.71 15.32
N LYS A 191 18.56 5.42 16.50
CA LYS A 191 19.25 4.50 17.39
C LYS A 191 19.18 3.07 16.87
N LEU A 192 18.03 2.67 16.34
CA LEU A 192 17.94 1.34 15.72
C LEU A 192 18.86 1.18 14.52
N ALA A 193 19.04 2.26 13.74
CA ALA A 193 19.91 2.24 12.57
C ALA A 193 21.39 2.20 12.99
N GLU A 194 21.75 3.03 13.97
CA GLU A 194 23.14 3.14 14.40
C GLU A 194 23.58 1.90 15.18
N LYS A 195 22.75 1.45 16.11
CA LYS A 195 23.12 0.40 17.07
C LYS A 195 22.78 -1.00 16.57
N GLY A 196 21.79 -1.06 15.68
CA GLY A 196 21.34 -2.32 15.11
C GLY A 196 20.22 -3.01 15.87
N PHE A 197 19.68 -4.07 15.25
CA PHE A 197 18.63 -4.90 15.85
C PHE A 197 18.71 -6.28 15.19
N PRO A 198 18.18 -7.33 15.86
CA PRO A 198 18.20 -8.67 15.26
C PRO A 198 17.08 -8.84 14.23
N ILE A 199 17.43 -9.24 13.01
CA ILE A 199 16.42 -9.28 11.95
C ILE A 199 15.41 -10.42 12.12
N ASP A 200 14.17 -10.16 11.70
CA ASP A 200 13.12 -11.16 11.78
C ASP A 200 13.13 -12.10 10.57
N SER A 201 12.22 -13.06 10.57
CA SER A 201 12.16 -14.07 9.51
C SER A 201 11.77 -13.49 8.16
N VAL A 202 10.87 -12.51 8.15
CA VAL A 202 10.42 -11.92 6.89
C VAL A 202 11.55 -11.16 6.20
N LEU A 203 12.28 -10.36 6.97
CA LEU A 203 13.46 -9.66 6.44
C LEU A 203 14.56 -10.63 5.99
N ALA A 204 14.86 -11.63 6.80
CA ALA A 204 15.86 -12.65 6.41
C ALA A 204 15.48 -13.32 5.08
N GLU A 205 14.20 -13.69 4.95
CA GLU A 205 13.71 -14.31 3.71
C GLU A 205 13.89 -13.35 2.53
N ALA A 206 13.54 -12.09 2.74
CA ALA A 206 13.66 -11.07 1.70
C ALA A 206 15.11 -10.88 1.21
N ILE A 207 16.07 -10.81 2.13
CA ILE A 207 17.46 -10.63 1.75
C ILE A 207 17.93 -11.81 0.89
N SER A 208 17.55 -13.02 1.31
CA SER A 208 17.91 -14.23 0.57
C SER A 208 17.28 -14.22 -0.82
N ASP A 209 15.98 -13.93 -0.88
CA ASP A 209 15.24 -13.95 -2.14
C ASP A 209 15.73 -12.91 -3.16
N TYR A 210 16.19 -11.75 -2.66
CA TYR A 210 16.56 -10.65 -3.55
C TYR A 210 18.06 -10.36 -3.55
N GLN A 211 18.83 -11.37 -3.14
CA GLN A 211 20.28 -11.22 -3.05
C GLN A 211 20.92 -10.78 -4.37
N GLU A 212 20.44 -11.31 -5.48
CA GLU A 212 21.01 -10.96 -6.77
C GLU A 212 20.89 -9.46 -7.05
N LYS A 213 19.67 -8.93 -6.89
CA LYS A 213 19.41 -7.51 -7.08
C LYS A 213 20.27 -6.65 -6.15
N LEU A 214 20.38 -7.06 -4.88
CA LEU A 214 21.15 -6.31 -3.89
C LEU A 214 22.66 -6.34 -4.16
N SER A 215 23.13 -7.44 -4.74
CA SER A 215 24.57 -7.63 -4.97
C SER A 215 25.14 -6.66 -6.02
N ARG A 216 24.27 -6.06 -6.81
CA ARG A 216 24.70 -5.19 -7.92
C ARG A 216 24.86 -3.72 -7.53
N THR A 217 24.56 -3.39 -6.27
CA THR A 217 24.61 -1.99 -5.82
C THR A 217 25.29 -1.87 -4.45
N ALA A 218 25.37 -0.63 -3.96
CA ALA A 218 25.94 -0.37 -2.64
C ALA A 218 25.15 -1.04 -1.51
N ALA A 219 23.93 -1.48 -1.79
CA ALA A 219 23.11 -2.18 -0.80
C ALA A 219 23.77 -3.47 -0.28
N LYS A 220 24.66 -4.05 -1.09
CA LYS A 220 25.37 -5.28 -0.73
C LYS A 220 26.17 -5.14 0.56
N ASP A 221 26.70 -3.94 0.81
CA ASP A 221 27.54 -3.71 1.98
C ASP A 221 26.75 -3.69 3.29
N VAL A 222 25.44 -3.52 3.18
CA VAL A 222 24.54 -3.50 4.34
C VAL A 222 23.88 -4.86 4.55
N PHE A 223 23.37 -5.46 3.48
CA PHE A 223 22.55 -6.67 3.60
C PHE A 223 23.30 -7.97 3.31
N LEU A 224 24.41 -7.85 2.59
CA LEU A 224 25.22 -9.01 2.22
C LEU A 224 26.65 -8.82 2.68
N PRO A 225 26.88 -8.57 3.99
CA PRO A 225 28.26 -8.30 4.39
C PRO A 225 29.12 -9.54 4.15
N ASN A 226 30.31 -9.35 3.59
CA ASN A 226 31.21 -10.46 3.23
C ASN A 226 30.58 -11.42 2.21
N GLY A 227 29.69 -10.89 1.38
CA GLY A 227 29.11 -11.62 0.26
C GLY A 227 27.99 -12.59 0.60
N GLU A 228 27.56 -12.59 1.86
CA GLU A 228 26.52 -13.52 2.29
C GLU A 228 25.34 -12.82 2.97
N PRO A 229 24.11 -13.25 2.63
CA PRO A 229 22.91 -12.68 3.26
C PRO A 229 22.88 -12.86 4.77
N LEU A 230 22.50 -11.79 5.48
CA LEU A 230 22.18 -11.89 6.90
C LEU A 230 21.06 -12.92 7.13
N LYS A 231 21.17 -13.68 8.21
CA LYS A 231 20.15 -14.67 8.58
C LYS A 231 19.29 -14.17 9.72
N GLU A 232 18.16 -14.82 9.94
CA GLU A 232 17.27 -14.49 11.04
C GLU A 232 18.04 -14.47 12.35
N GLY A 233 17.89 -13.38 13.10
CA GLY A 233 18.60 -13.22 14.37
C GLY A 233 19.91 -12.45 14.28
N ASP A 234 20.48 -12.35 13.07
CA ASP A 234 21.68 -11.56 12.86
C ASP A 234 21.38 -10.09 13.05
N THR A 235 22.37 -9.35 13.53
CA THR A 235 22.24 -7.91 13.75
C THR A 235 22.39 -7.15 12.43
N LEU A 236 21.35 -6.38 12.08
CA LEU A 236 21.44 -5.45 10.95
C LEU A 236 21.79 -4.07 11.46
N ILE A 237 22.91 -3.56 10.96
CA ILE A 237 23.38 -2.22 11.31
C ILE A 237 23.38 -1.36 10.04
N GLN A 238 22.82 -0.16 10.18
CA GLN A 238 22.64 0.76 9.07
C GLN A 238 23.21 2.14 9.42
N LYS A 239 24.54 2.21 9.49
CA LYS A 239 25.23 3.44 9.90
C LYS A 239 24.96 4.62 8.97
N ASP A 240 24.99 4.38 7.66
CA ASP A 240 24.77 5.49 6.72
C ASP A 240 23.33 6.00 6.80
N LEU A 241 22.34 5.10 6.91
CA LEU A 241 20.96 5.51 7.13
C LEU A 241 20.80 6.32 8.42
N ALA A 242 21.44 5.87 9.49
CA ALA A 242 21.45 6.62 10.75
C ALA A 242 21.94 8.04 10.53
N LYS A 243 23.05 8.16 9.79
CA LYS A 243 23.60 9.48 9.45
C LYS A 243 22.59 10.35 8.70
N THR A 244 21.94 9.77 7.70
CA THR A 244 20.94 10.49 6.92
C THR A 244 19.80 10.98 7.83
N PHE A 245 19.36 10.12 8.73
CA PHE A 245 18.33 10.50 9.70
C PHE A 245 18.82 11.63 10.61
N LYS A 246 20.10 11.57 11.02
CA LYS A 246 20.68 12.65 11.82
C LYS A 246 20.71 13.98 11.05
N LEU A 247 20.99 13.90 9.75
CA LEU A 247 20.96 15.10 8.89
C LEU A 247 19.56 15.68 8.83
N ILE A 248 18.55 14.80 8.71
CA ILE A 248 17.16 15.25 8.70
C ILE A 248 16.80 15.87 10.05
N ARG A 249 17.23 15.24 11.13
CA ARG A 249 17.00 15.79 12.46
C ARG A 249 17.60 17.20 12.62
N SER A 250 18.81 17.41 12.13
CA SER A 250 19.46 18.72 12.27
C SER A 250 18.93 19.79 11.31
N LYS A 251 18.75 19.43 10.05
CA LYS A 251 18.51 20.39 8.97
C LYS A 251 17.07 20.43 8.49
N GLY A 252 16.27 19.45 8.90
CA GLY A 252 14.92 19.30 8.36
C GLY A 252 14.94 18.56 7.03
N THR A 253 13.81 18.60 6.34
CA THR A 253 13.69 17.82 5.10
C THR A 253 14.56 18.33 3.97
N ASP A 254 15.06 19.57 4.05
CA ASP A 254 16.06 20.04 3.08
C ASP A 254 17.30 19.13 3.03
N ALA A 255 17.55 18.39 4.11
CA ALA A 255 18.66 17.44 4.13
C ALA A 255 18.49 16.39 3.04
N PHE A 256 17.23 16.15 2.66
CA PHE A 256 16.88 15.11 1.69
C PHE A 256 16.61 15.72 0.31
N TYR A 257 15.83 16.81 0.28
CA TYR A 257 15.36 17.37 -0.99
C TYR A 257 16.31 18.37 -1.63
N LYS A 258 17.37 18.73 -0.89
CA LYS A 258 18.35 19.71 -1.35
C LYS A 258 19.76 19.27 -0.96
N GLY A 259 20.75 20.03 -1.40
CA GLY A 259 22.11 19.83 -0.92
C GLY A 259 22.78 18.55 -1.39
N LYS A 260 23.76 18.10 -0.61
CA LYS A 260 24.62 16.99 -1.04
C LYS A 260 23.85 15.69 -1.22
N PHE A 261 22.90 15.40 -0.33
CA PHE A 261 22.13 14.16 -0.50
C PHE A 261 21.34 14.17 -1.81
N ALA A 262 20.67 15.30 -2.12
CA ALA A 262 19.90 15.41 -3.37
C ALA A 262 20.81 15.23 -4.58
N LYS A 263 21.99 15.84 -4.53
CA LYS A 263 22.97 15.65 -5.60
C LYS A 263 23.36 14.19 -5.74
N THR A 264 23.67 13.54 -4.61
CA THR A 264 24.10 12.15 -4.61
C THR A 264 23.00 11.22 -5.13
N LEU A 265 21.76 11.44 -4.66
CA LEU A 265 20.64 10.62 -5.12
C LEU A 265 20.45 10.77 -6.63
N SER A 266 20.43 12.01 -7.10
CA SER A 266 20.28 12.32 -8.53
C SER A 266 21.38 11.69 -9.37
N ASP A 267 22.63 11.86 -8.95
CA ASP A 267 23.77 11.27 -9.67
C ASP A 267 23.66 9.77 -9.76
N THR A 268 23.21 9.16 -8.66
CA THR A 268 23.06 7.70 -8.61
C THR A 268 21.98 7.23 -9.58
N VAL A 269 20.83 7.91 -9.56
CA VAL A 269 19.75 7.61 -10.49
C VAL A 269 20.26 7.71 -11.95
N GLN A 270 21.01 8.76 -12.24
CA GLN A 270 21.59 8.95 -13.58
C GLN A 270 22.60 7.87 -13.94
N ASP A 271 23.44 7.49 -12.98
CA ASP A 271 24.40 6.39 -13.18
C ASP A 271 23.71 5.09 -13.56
N PHE A 272 22.50 4.90 -13.06
CA PHE A 272 21.72 3.71 -13.34
C PHE A 272 20.73 3.90 -14.49
N GLY A 273 20.88 5.01 -15.22
CA GLY A 273 20.13 5.24 -16.47
C GLY A 273 18.89 6.09 -16.40
N GLY A 274 18.58 6.64 -15.23
CA GLY A 274 17.40 7.49 -15.10
C GLY A 274 17.71 8.96 -15.28
N SER A 275 16.68 9.78 -15.33
CA SER A 275 16.82 11.20 -15.66
C SER A 275 16.68 12.16 -14.48
N MET A 276 16.45 11.65 -13.28
CA MET A 276 16.18 12.52 -12.12
C MET A 276 17.31 13.50 -11.88
N THR A 277 16.92 14.75 -11.64
CA THR A 277 17.85 15.84 -11.33
C THR A 277 17.59 16.40 -9.95
N GLU A 278 18.53 17.23 -9.48
CA GLU A 278 18.33 17.96 -8.24
C GLU A 278 17.08 18.84 -8.28
N LYS A 279 16.79 19.39 -9.46
CA LYS A 279 15.62 20.24 -9.61
C LYS A 279 14.33 19.44 -9.38
N ASP A 280 14.28 18.18 -9.83
CA ASP A 280 13.11 17.32 -9.58
C ASP A 280 12.87 17.18 -8.08
N LEU A 281 13.94 17.03 -7.32
CA LEU A 281 13.82 16.88 -5.87
C LEU A 281 13.39 18.16 -5.19
N GLU A 282 13.98 19.28 -5.61
CA GLU A 282 13.58 20.60 -5.13
C GLU A 282 12.11 20.91 -5.42
N ASN A 283 11.63 20.46 -6.58
CA ASN A 283 10.26 20.73 -7.04
C ASN A 283 9.19 19.91 -6.31
N TYR A 284 9.59 18.79 -5.69
CA TYR A 284 8.59 17.84 -5.17
C TYR A 284 7.73 18.41 -4.06
N ASP A 285 6.42 18.15 -4.13
CA ASP A 285 5.56 18.38 -2.99
C ASP A 285 4.50 17.30 -2.99
N ILE A 286 3.96 17.04 -1.79
CA ILE A 286 2.85 16.11 -1.69
C ILE A 286 1.59 16.77 -2.20
N THR A 287 0.51 16.00 -2.18
CA THR A 287 -0.78 16.49 -2.55
C THR A 287 -1.71 16.10 -1.38
N ILE A 288 -2.69 16.95 -1.06
CA ILE A 288 -3.72 16.63 -0.07
C ILE A 288 -4.94 16.16 -0.84
N ASP A 289 -5.31 14.91 -0.64
CA ASP A 289 -6.39 14.31 -1.44
C ASP A 289 -7.62 14.17 -0.58
N GLU A 290 -8.77 14.33 -1.23
CA GLU A 290 -10.05 14.15 -0.55
C GLU A 290 -10.53 12.70 -0.68
N PRO A 291 -10.85 12.04 0.44
CA PRO A 291 -11.31 10.66 0.34
C PRO A 291 -12.56 10.54 -0.54
N ILE A 292 -12.70 9.39 -1.20
CA ILE A 292 -13.98 9.03 -1.83
C ILE A 292 -14.77 8.26 -0.80
N TRP A 293 -16.09 8.45 -0.82
CA TRP A 293 -16.96 7.83 0.17
C TRP A 293 -17.98 6.92 -0.47
N GLY A 294 -18.31 5.83 0.23
CA GLY A 294 -19.35 4.92 -0.19
C GLY A 294 -20.17 4.47 1.01
N ASP A 295 -21.40 4.02 0.76
CA ASP A 295 -22.25 3.45 1.79
C ASP A 295 -22.26 1.94 1.63
N TYR A 296 -22.07 1.22 2.72
CA TYR A 296 -22.06 -0.24 2.66
C TYR A 296 -22.53 -0.86 3.96
N GLN A 297 -23.65 -1.57 3.90
CA GLN A 297 -24.19 -2.31 5.05
C GLN A 297 -24.30 -1.47 6.33
N GLY A 298 -24.69 -0.21 6.18
CA GLY A 298 -24.87 0.69 7.30
C GLY A 298 -23.63 1.44 7.74
N TYR A 299 -22.52 1.22 7.04
CA TYR A 299 -21.28 1.94 7.29
C TYR A 299 -21.03 2.96 6.18
N GLN A 300 -20.34 4.03 6.53
CA GLN A 300 -19.82 4.97 5.55
C GLN A 300 -18.34 4.70 5.42
N ILE A 301 -17.88 4.45 4.19
CA ILE A 301 -16.51 4.04 3.97
C ILE A 301 -15.72 5.17 3.32
N ALA A 302 -14.65 5.61 3.97
CA ALA A 302 -13.74 6.62 3.41
C ALA A 302 -12.53 5.90 2.86
N THR A 303 -12.25 6.10 1.57
CA THR A 303 -11.17 5.38 0.93
C THR A 303 -10.41 6.27 -0.07
N THR A 304 -9.42 5.69 -0.76
CA THR A 304 -8.42 6.49 -1.46
C THR A 304 -8.77 6.73 -2.93
N PRO A 305 -8.80 8.01 -3.36
CA PRO A 305 -9.10 8.32 -4.78
C PRO A 305 -7.88 8.16 -5.68
N PRO A 306 -8.09 8.28 -6.99
CA PRO A 306 -6.96 8.45 -7.90
C PRO A 306 -6.03 9.56 -7.34
N PRO A 307 -4.70 9.37 -7.41
CA PRO A 307 -3.94 8.42 -8.22
C PRO A 307 -3.85 6.97 -7.71
N SER A 308 -4.59 6.62 -6.65
CA SER A 308 -4.78 5.20 -6.35
C SER A 308 -6.03 4.67 -7.06
N SER A 309 -5.94 3.40 -7.46
CA SER A 309 -7.09 2.66 -7.97
C SER A 309 -7.86 2.00 -6.83
N GLY A 310 -7.29 2.04 -5.63
CA GLY A 310 -7.80 1.24 -4.51
C GLY A 310 -9.23 1.56 -4.12
N GLY A 311 -9.48 2.84 -3.87
CA GLY A 311 -10.79 3.28 -3.39
C GLY A 311 -11.92 3.01 -4.37
N ILE A 312 -11.72 3.41 -5.63
CA ILE A 312 -12.78 3.23 -6.64
C ILE A 312 -13.15 1.76 -6.73
N PHE A 313 -12.14 0.90 -6.82
CA PHE A 313 -12.44 -0.51 -7.07
C PHE A 313 -12.82 -1.31 -5.85
N LEU A 314 -12.39 -0.87 -4.67
CA LEU A 314 -12.93 -1.42 -3.43
C LEU A 314 -14.43 -1.14 -3.40
N LEU A 315 -14.82 0.12 -3.59
CA LEU A 315 -16.23 0.49 -3.61
C LEU A 315 -16.99 -0.21 -4.73
N GLN A 316 -16.42 -0.27 -5.93
CA GLN A 316 -17.11 -0.93 -7.04
C GLN A 316 -17.35 -2.41 -6.74
N MET A 317 -16.33 -3.10 -6.23
CA MET A 317 -16.49 -4.53 -5.93
C MET A 317 -17.50 -4.76 -4.80
N LEU A 318 -17.46 -3.92 -3.77
CA LEU A 318 -18.45 -4.02 -2.70
C LEU A 318 -19.86 -3.80 -3.23
N LYS A 319 -20.03 -2.82 -4.10
CA LYS A 319 -21.36 -2.50 -4.63
C LYS A 319 -21.88 -3.61 -5.52
N ILE A 320 -20.99 -4.20 -6.31
CA ILE A 320 -21.39 -5.33 -7.16
C ILE A 320 -21.78 -6.52 -6.29
N LEU A 321 -20.93 -6.87 -5.32
CA LEU A 321 -21.13 -8.07 -4.48
C LEU A 321 -22.30 -7.92 -3.51
N ASP A 322 -22.63 -6.69 -3.14
CA ASP A 322 -23.73 -6.44 -2.21
C ASP A 322 -25.04 -7.01 -2.74
N HIS A 323 -25.24 -6.99 -4.06
CA HIS A 323 -26.46 -7.55 -4.67
C HIS A 323 -26.64 -9.03 -4.37
N PHE A 324 -25.55 -9.74 -4.16
CA PHE A 324 -25.60 -11.21 -4.09
C PHE A 324 -25.91 -11.80 -2.73
N ASN A 325 -25.94 -10.95 -1.69
CA ASN A 325 -26.19 -11.41 -0.32
C ASN A 325 -25.30 -12.60 0.01
N LEU A 326 -23.99 -12.36 0.03
CA LEU A 326 -23.00 -13.43 0.14
C LEU A 326 -23.17 -14.36 1.33
N SER A 327 -23.60 -13.80 2.46
CA SER A 327 -23.72 -14.57 3.70
C SER A 327 -24.68 -15.76 3.57
N GLN A 328 -25.53 -15.74 2.55
CA GLN A 328 -26.42 -16.89 2.29
C GLN A 328 -25.64 -18.14 1.88
N TYR A 329 -24.42 -17.95 1.38
CA TYR A 329 -23.53 -19.04 0.99
C TYR A 329 -22.52 -19.29 2.10
N ASP A 330 -22.22 -20.55 2.35
CA ASP A 330 -21.22 -20.88 3.37
C ASP A 330 -19.92 -20.18 3.03
N VAL A 331 -19.22 -19.73 4.06
CA VAL A 331 -18.00 -18.93 3.88
C VAL A 331 -16.91 -19.65 3.06
N ARG A 332 -16.99 -20.98 2.93
CA ARG A 332 -16.03 -21.69 2.07
C ARG A 332 -16.69 -22.48 0.94
N SER A 333 -17.90 -22.06 0.57
CA SER A 333 -18.63 -22.65 -0.55
C SER A 333 -18.04 -22.20 -1.87
N TRP A 334 -18.10 -23.06 -2.88
CA TRP A 334 -17.67 -22.69 -4.22
C TRP A 334 -18.44 -21.48 -4.73
N GLU A 335 -19.72 -21.36 -4.36
CA GLU A 335 -20.53 -20.22 -4.78
C GLU A 335 -19.89 -18.88 -4.41
N LYS A 336 -19.44 -18.77 -3.16
CA LYS A 336 -18.85 -17.52 -2.68
C LYS A 336 -17.61 -17.20 -3.50
N TYR A 337 -16.73 -18.17 -3.69
CA TYR A 337 -15.49 -17.92 -4.43
C TYR A 337 -15.77 -17.58 -5.89
N GLN A 338 -16.77 -18.24 -6.48
CA GLN A 338 -17.18 -17.93 -7.86
C GLN A 338 -17.59 -16.47 -8.01
N LEU A 339 -18.43 -16.00 -7.08
CA LEU A 339 -18.90 -14.61 -7.13
C LEU A 339 -17.75 -13.62 -6.91
N LEU A 340 -16.85 -13.93 -5.97
CA LEU A 340 -15.66 -13.08 -5.78
C LEU A 340 -14.83 -13.01 -7.06
N ALA A 341 -14.51 -14.17 -7.64
CA ALA A 341 -13.64 -14.22 -8.82
C ALA A 341 -14.23 -13.46 -10.00
N GLU A 342 -15.52 -13.68 -10.25
CA GLU A 342 -16.20 -13.03 -11.37
C GLU A 342 -16.24 -11.51 -11.21
N THR A 343 -16.50 -11.06 -9.98
CA THR A 343 -16.50 -9.63 -9.66
C THR A 343 -15.09 -9.03 -9.87
N MET A 344 -14.08 -9.70 -9.31
CA MET A 344 -12.70 -9.26 -9.49
C MET A 344 -12.35 -9.08 -10.96
N HIS A 345 -12.74 -10.04 -11.80
CA HIS A 345 -12.41 -9.90 -13.21
C HIS A 345 -13.00 -8.66 -13.85
N LEU A 346 -14.25 -8.35 -13.52
CA LEU A 346 -14.89 -7.16 -14.08
C LEU A 346 -14.22 -5.87 -13.60
N SER A 347 -13.99 -5.78 -12.28
CA SER A 347 -13.43 -4.57 -11.70
C SER A 347 -11.96 -4.34 -12.10
N TYR A 348 -11.15 -5.40 -12.07
CA TYR A 348 -9.76 -5.24 -12.51
C TYR A 348 -9.67 -4.87 -14.00
N ALA A 349 -10.62 -5.35 -14.81
CA ALA A 349 -10.68 -4.93 -16.21
C ALA A 349 -10.93 -3.41 -16.33
N ASP A 350 -11.86 -2.90 -15.54
CA ASP A 350 -12.14 -1.46 -15.55
C ASP A 350 -10.93 -0.66 -15.09
N ARG A 351 -10.26 -1.19 -14.07
CA ARG A 351 -9.05 -0.55 -13.52
C ARG A 351 -7.98 -0.37 -14.61
N ALA A 352 -7.76 -1.43 -15.38
CA ALA A 352 -6.73 -1.41 -16.41
C ALA A 352 -7.05 -0.42 -17.52
N SER A 353 -8.34 -0.20 -17.75
CA SER A 353 -8.80 0.68 -18.82
C SER A 353 -8.89 2.14 -18.44
N TYR A 354 -9.19 2.44 -17.16
CA TYR A 354 -9.70 3.77 -16.84
C TYR A 354 -9.01 4.53 -15.72
N ALA A 355 -8.06 3.89 -15.04
CA ALA A 355 -7.47 4.51 -13.85
C ALA A 355 -6.07 5.09 -14.09
N GLY A 356 -5.85 6.30 -13.58
CA GLY A 356 -4.54 6.94 -13.65
C GLY A 356 -4.59 8.22 -12.83
N ASP A 357 -3.49 8.97 -12.86
CA ASP A 357 -3.36 10.20 -12.06
C ASP A 357 -4.36 11.26 -12.56
N PRO A 358 -5.29 11.73 -11.68
CA PRO A 358 -6.35 12.65 -12.12
C PRO A 358 -5.85 14.07 -12.45
N GLU A 359 -4.57 14.35 -12.17
CA GLU A 359 -3.98 15.60 -12.64
C GLU A 359 -3.77 15.56 -14.14
N PHE A 360 -3.78 14.35 -14.71
CA PHE A 360 -3.42 14.11 -16.10
C PHE A 360 -4.53 13.48 -16.93
N VAL A 361 -5.31 12.58 -16.34
CA VAL A 361 -6.29 11.81 -17.14
C VAL A 361 -7.68 11.81 -16.55
N ASN A 362 -8.65 11.73 -17.45
CA ASN A 362 -10.05 11.79 -17.10
C ASN A 362 -10.54 10.42 -16.64
N VAL A 363 -10.41 10.17 -15.34
CA VAL A 363 -10.94 8.93 -14.76
C VAL A 363 -12.46 9.05 -14.60
N PRO A 364 -13.24 8.14 -15.24
CA PRO A 364 -14.70 8.23 -15.14
C PRO A 364 -15.26 7.67 -13.82
N LEU A 365 -14.89 8.30 -12.72
CA LEU A 365 -15.31 7.86 -11.41
C LEU A 365 -16.83 7.84 -11.29
N LYS A 366 -17.49 8.90 -11.75
CA LYS A 366 -18.94 8.97 -11.64
C LYS A 366 -19.61 7.77 -12.34
N GLY A 367 -19.21 7.50 -13.58
CA GLY A 367 -19.75 6.37 -14.33
C GLY A 367 -19.42 5.04 -13.70
N LEU A 368 -18.17 4.87 -13.24
CA LEU A 368 -17.72 3.59 -12.70
C LEU A 368 -18.45 3.18 -11.43
N LEU A 369 -18.99 4.18 -10.70
CA LEU A 369 -19.70 3.92 -9.44
C LEU A 369 -21.20 4.22 -9.52
N HIS A 370 -21.68 4.52 -10.72
CA HIS A 370 -23.10 4.82 -10.91
C HIS A 370 -23.92 3.57 -10.62
N PRO A 371 -25.01 3.69 -9.85
CA PRO A 371 -25.77 2.50 -9.47
C PRO A 371 -26.28 1.69 -10.67
N ASP A 372 -26.58 2.36 -11.78
CA ASP A 372 -27.05 1.65 -12.97
C ASP A 372 -25.90 0.96 -13.71
N TYR A 373 -24.70 1.52 -13.62
CA TYR A 373 -23.52 0.86 -14.17
C TYR A 373 -23.24 -0.38 -13.33
N ILE A 374 -23.30 -0.23 -12.00
CA ILE A 374 -23.10 -1.35 -11.08
C ILE A 374 -24.08 -2.49 -11.40
N LYS A 375 -25.34 -2.13 -11.65
CA LYS A 375 -26.38 -3.10 -12.02
C LYS A 375 -26.02 -3.85 -13.30
N GLU A 376 -25.59 -3.11 -14.32
CA GLU A 376 -25.21 -3.73 -15.59
C GLU A 376 -24.07 -4.73 -15.38
N ARG A 377 -23.12 -4.37 -14.53
CA ARG A 377 -21.98 -5.26 -14.26
C ARG A 377 -22.40 -6.48 -13.47
N GLN A 378 -23.26 -6.28 -12.47
CA GLN A 378 -23.80 -7.40 -11.68
C GLN A 378 -24.47 -8.42 -12.59
N GLN A 379 -25.16 -7.92 -13.60
CA GLN A 379 -25.94 -8.79 -14.50
C GLN A 379 -25.08 -9.64 -15.43
N LEU A 380 -23.79 -9.32 -15.49
CA LEU A 380 -22.83 -10.10 -16.27
C LEU A 380 -22.33 -11.30 -15.49
N ILE A 381 -22.73 -11.42 -14.22
CA ILE A 381 -22.20 -12.46 -13.32
C ILE A 381 -23.23 -13.56 -13.09
N ASN A 382 -22.79 -14.80 -13.33
CA ASN A 382 -23.62 -15.98 -13.07
C ASN A 382 -22.90 -16.96 -12.17
N LEU A 383 -23.66 -17.66 -11.34
CA LEU A 383 -23.10 -18.73 -10.52
C LEU A 383 -22.63 -19.90 -11.36
N ASP A 384 -23.41 -20.23 -12.39
CA ASP A 384 -23.25 -21.51 -13.09
C ASP A 384 -22.38 -21.47 -14.36
N GLN A 385 -21.84 -20.30 -14.69
CA GLN A 385 -20.85 -20.21 -15.78
C GLN A 385 -19.94 -19.02 -15.60
N VAL A 386 -18.77 -19.10 -16.21
CA VAL A 386 -17.68 -18.14 -16.04
C VAL A 386 -17.60 -17.24 -17.28
N ASN A 387 -17.41 -15.94 -17.07
CA ASN A 387 -17.07 -15.02 -18.15
C ASN A 387 -15.66 -15.35 -18.62
N LYS A 388 -15.52 -15.83 -19.85
CA LYS A 388 -14.20 -16.27 -20.28
C LYS A 388 -13.43 -15.17 -21.03
N LYS A 389 -14.13 -14.09 -21.37
CA LYS A 389 -13.51 -12.90 -21.95
C LYS A 389 -13.98 -11.63 -21.24
N PRO A 390 -13.68 -11.52 -19.93
CA PRO A 390 -14.15 -10.32 -19.22
C PRO A 390 -13.43 -9.08 -19.75
N LYS A 391 -14.20 -8.01 -19.89
CA LYS A 391 -13.70 -6.77 -20.44
C LYS A 391 -14.17 -5.59 -19.61
N ALA A 392 -13.49 -4.46 -19.77
CA ALA A 392 -13.97 -3.20 -19.20
C ALA A 392 -15.37 -2.90 -19.74
N GLY A 393 -16.19 -2.26 -18.89
CA GLY A 393 -17.51 -1.78 -19.29
C GLY A 393 -17.36 -0.41 -19.94
N ASP A 394 -18.49 0.24 -20.19
CA ASP A 394 -18.50 1.60 -20.74
C ASP A 394 -19.12 2.57 -19.72
N PRO A 395 -18.31 3.04 -18.76
CA PRO A 395 -18.84 3.94 -17.73
C PRO A 395 -19.27 5.31 -18.28
N TRP A 396 -18.81 5.63 -19.50
CA TRP A 396 -19.18 6.87 -20.17
C TRP A 396 -20.65 6.88 -20.59
N LYS A 397 -21.31 5.72 -20.56
CA LYS A 397 -22.77 5.65 -20.73
C LYS A 397 -23.50 6.41 -19.63
N TYR A 398 -22.84 6.53 -18.48
CA TYR A 398 -23.49 7.01 -17.26
C TYR A 398 -22.91 8.30 -16.71
N GLN A 399 -22.09 8.96 -17.52
CA GLN A 399 -21.54 10.26 -17.17
C GLN A 399 -21.13 11.06 -18.40
N GLU A 400 -20.94 12.35 -18.19
CA GLU A 400 -20.49 13.29 -19.19
C GLU A 400 -19.01 13.11 -19.56
N GLY A 401 -18.61 13.69 -20.70
CA GLY A 401 -17.21 13.71 -21.12
C GLY A 401 -16.75 12.44 -21.82
N SER A 402 -15.43 12.34 -22.01
CA SER A 402 -14.83 11.18 -22.65
C SER A 402 -13.38 11.06 -22.24
N ALA A 403 -12.79 9.91 -22.55
CA ALA A 403 -11.40 9.63 -22.22
C ALA A 403 -10.45 10.50 -23.02
N ASN A 404 -9.41 10.98 -22.35
CA ASN A 404 -8.31 11.65 -23.04
C ASN A 404 -7.11 10.70 -23.16
N TYR A 405 -7.41 9.44 -23.46
CA TYR A 405 -6.41 8.39 -23.57
C TYR A 405 -7.03 7.22 -24.34
N LYS A 406 -6.18 6.30 -24.75
CA LYS A 406 -6.61 5.15 -25.55
C LYS A 406 -6.66 3.89 -24.69
N GLN A 407 -7.19 2.83 -25.30
CA GLN A 407 -7.15 1.50 -24.70
C GLN A 407 -5.97 0.79 -25.34
N VAL A 408 -4.93 0.56 -24.54
CA VAL A 408 -3.68 0.02 -25.04
C VAL A 408 -3.31 -1.28 -24.35
N GLU A 409 -3.31 -2.37 -25.11
CA GLU A 409 -2.93 -3.69 -24.59
C GLU A 409 -1.53 -3.63 -24.00
N GLN A 410 -1.33 -4.33 -22.89
CA GLN A 410 -0.05 -4.38 -22.18
C GLN A 410 0.47 -5.81 -22.11
N PRO A 411 1.81 -5.97 -22.13
CA PRO A 411 2.41 -7.30 -21.91
C PRO A 411 2.07 -7.85 -20.52
N THR B 1 5.70 -2.95 0.13
CA THR B 1 4.61 -2.19 0.80
C THR B 1 4.38 -2.70 2.23
N THR B 2 3.89 -1.78 3.07
CA THR B 2 3.47 -2.14 4.42
C THR B 2 2.27 -1.26 4.78
N HIS B 3 1.40 -1.78 5.64
CA HIS B 3 0.26 -1.02 6.12
C HIS B 3 0.25 -1.00 7.63
N PHE B 4 0.03 0.17 8.20
CA PHE B 4 -0.13 0.27 9.65
C PHE B 4 -1.22 1.26 10.02
N THR B 5 -1.61 1.22 11.28
CA THR B 5 -2.74 2.02 11.72
C THR B 5 -2.57 2.38 13.20
N VAL B 6 -3.07 3.56 13.58
CA VAL B 6 -2.95 4.06 14.96
C VAL B 6 -4.25 4.79 15.31
N ALA B 7 -4.69 4.66 16.56
CA ALA B 7 -5.84 5.43 17.03
C ALA B 7 -5.52 5.91 18.43
N ASP B 8 -5.90 7.15 18.74
CA ASP B 8 -5.55 7.74 20.04
C ASP B 8 -6.75 8.12 20.89
N ARG B 9 -6.48 8.60 22.10
CA ARG B 9 -7.51 8.89 23.09
C ARG B 9 -8.36 10.11 22.73
N TRP B 10 -7.87 10.94 21.81
CA TRP B 10 -8.60 12.15 21.41
C TRP B 10 -9.45 11.95 20.18
N GLY B 11 -9.47 10.71 19.69
CA GLY B 11 -10.33 10.37 18.57
C GLY B 11 -9.67 10.45 17.21
N ASN B 12 -8.39 10.81 17.16
CA ASN B 12 -7.65 10.81 15.89
C ASN B 12 -7.44 9.36 15.45
N VAL B 13 -7.52 9.14 14.13
CA VAL B 13 -7.34 7.80 13.57
C VAL B 13 -6.49 7.91 12.31
N VAL B 14 -5.45 7.09 12.24
CA VAL B 14 -4.58 7.04 11.06
C VAL B 14 -4.61 5.66 10.41
N SER B 15 -4.73 5.62 9.08
CA SER B 15 -4.59 4.38 8.29
C SER B 15 -3.60 4.70 7.17
N TYR B 16 -2.43 4.03 7.18
CA TYR B 16 -1.29 4.51 6.37
C TYR B 16 -0.64 3.34 5.65
N THR B 17 -0.74 3.35 4.31
CA THR B 17 -0.05 2.36 3.48
C THR B 17 1.12 3.08 2.80
N THR B 18 2.25 2.39 2.71
CA THR B 18 3.48 3.06 2.30
C THR B 18 4.43 2.01 1.71
N THR B 19 5.21 2.40 0.70
CA THR B 19 5.95 1.42 -0.10
C THR B 19 7.20 1.95 -0.79
N ILE B 20 8.07 1.04 -1.23
CA ILE B 20 9.10 1.35 -2.20
C ILE B 20 8.96 0.50 -3.47
N GLU B 21 7.77 -0.08 -3.62
CA GLU B 21 7.34 -0.92 -4.76
C GLU B 21 7.78 -2.37 -4.55
N GLN B 22 8.74 -2.86 -5.34
CA GLN B 22 9.26 -4.22 -5.10
C GLN B 22 9.88 -4.32 -3.72
N LEU B 23 10.06 -5.53 -3.22
CA LEU B 23 10.89 -5.69 -2.00
C LEU B 23 12.28 -5.16 -2.30
N PHE B 24 12.74 -4.23 -1.47
CA PHE B 24 14.00 -3.50 -1.69
C PHE B 24 13.99 -2.57 -2.91
N GLY B 25 12.81 -2.26 -3.46
CA GLY B 25 12.71 -1.33 -4.58
C GLY B 25 13.57 -1.75 -5.78
N THR B 26 14.29 -0.79 -6.34
CA THR B 26 15.26 -1.07 -7.41
C THR B 26 16.43 -1.91 -6.93
N GLY B 27 16.66 -1.92 -5.62
CA GLY B 27 17.88 -2.49 -5.05
C GLY B 27 18.98 -1.45 -4.94
N ILE B 28 18.79 -0.28 -5.55
CA ILE B 28 19.80 0.77 -5.55
C ILE B 28 19.78 1.49 -4.20
N MET B 29 20.95 1.59 -3.57
CA MET B 29 21.10 2.35 -2.33
C MET B 29 21.96 3.58 -2.60
N VAL B 30 21.52 4.74 -2.12
CA VAL B 30 22.28 5.97 -2.27
C VAL B 30 23.62 5.81 -1.53
N PRO B 31 24.74 5.80 -2.27
CA PRO B 31 26.03 5.50 -1.64
C PRO B 31 26.37 6.53 -0.55
N ASP B 32 26.83 6.02 0.59
CA ASP B 32 27.19 6.78 1.76
C ASP B 32 26.01 7.31 2.57
N TYR B 33 24.79 7.04 2.09
CA TYR B 33 23.59 7.53 2.79
C TYR B 33 22.56 6.48 3.20
N GLY B 34 22.72 5.25 2.73
CA GLY B 34 21.95 4.12 3.24
C GLY B 34 20.48 4.03 2.82
N VAL B 35 20.07 4.90 1.90
CA VAL B 35 18.66 5.00 1.50
C VAL B 35 18.38 4.13 0.28
N ILE B 36 17.46 3.18 0.44
CA ILE B 36 17.04 2.29 -0.66
C ILE B 36 16.01 3.00 -1.52
N LEU B 37 16.22 2.98 -2.83
CA LEU B 37 15.40 3.73 -3.78
C LEU B 37 14.27 2.90 -4.39
N ASN B 38 13.06 3.46 -4.34
CA ASN B 38 11.89 2.85 -4.95
C ASN B 38 12.04 2.57 -6.43
N ASN B 39 11.26 1.58 -6.92
CA ASN B 39 11.10 1.39 -8.36
C ASN B 39 9.68 1.77 -8.80
N GLU B 40 9.09 2.76 -8.13
CA GLU B 40 7.64 2.97 -8.24
C GLU B 40 7.15 3.23 -9.65
N LEU B 41 8.02 3.76 -10.51
CA LEU B 41 7.58 4.17 -11.83
C LEU B 41 7.24 2.98 -12.73
N THR B 42 7.69 1.79 -12.35
CA THR B 42 7.25 0.60 -13.10
C THR B 42 5.77 0.26 -12.86
N ASP B 43 5.13 0.96 -11.91
CA ASP B 43 3.68 0.87 -11.77
C ASP B 43 2.94 1.59 -12.92
N PHE B 44 3.65 2.40 -13.71
CA PHE B 44 3.06 2.90 -14.97
C PHE B 44 2.94 1.76 -15.97
N ASP B 45 2.04 1.90 -16.94
CA ASP B 45 2.03 1.02 -18.13
C ASP B 45 3.36 1.16 -18.86
N ALA B 46 3.94 0.03 -19.28
CA ALA B 46 5.15 0.09 -20.10
C ALA B 46 4.87 0.62 -21.50
N ILE B 47 3.74 0.22 -22.08
CA ILE B 47 3.36 0.70 -23.42
C ILE B 47 2.46 1.92 -23.28
N PRO B 48 2.89 3.07 -23.80
CA PRO B 48 2.14 4.30 -23.57
C PRO B 48 0.84 4.43 -24.37
N GLY B 49 0.07 5.46 -24.05
CA GLY B 49 -1.14 5.78 -24.79
C GLY B 49 -2.40 5.71 -23.95
N GLY B 50 -2.34 4.93 -22.87
CA GLY B 50 -3.48 4.72 -21.99
C GLY B 50 -3.52 5.59 -20.75
N ALA B 51 -4.52 5.36 -19.90
CA ALA B 51 -4.75 6.19 -18.72
C ALA B 51 -3.53 6.24 -17.81
N ASN B 52 -2.84 5.12 -17.70
CA ASN B 52 -1.70 5.00 -16.78
C ASN B 52 -0.35 4.99 -17.51
N GLU B 53 -0.28 5.67 -18.65
CA GLU B 53 0.99 5.84 -19.35
C GLU B 53 1.96 6.70 -18.53
N VAL B 54 3.25 6.51 -18.76
CA VAL B 54 4.28 7.41 -18.21
C VAL B 54 4.13 8.82 -18.79
N GLN B 55 4.18 9.83 -17.94
CA GLN B 55 4.44 11.21 -18.38
C GLN B 55 5.34 11.87 -17.34
N PRO B 56 6.20 12.82 -17.76
CA PRO B 56 6.95 13.56 -16.75
C PRO B 56 6.03 14.26 -15.76
N ASN B 57 6.42 14.22 -14.49
CA ASN B 57 5.68 14.83 -13.37
C ASN B 57 4.33 14.17 -13.06
N LYS B 58 4.06 13.04 -13.70
CA LYS B 58 2.85 12.25 -13.41
C LYS B 58 3.17 11.21 -12.34
N ARG B 59 2.14 10.80 -11.59
CA ARG B 59 2.29 9.74 -10.60
C ARG B 59 1.77 8.41 -11.14
N PRO B 60 2.53 7.31 -10.95
CA PRO B 60 2.08 6.02 -11.43
C PRO B 60 0.89 5.51 -10.63
N LEU B 61 -0.07 4.88 -11.31
CA LEU B 61 -1.25 4.36 -10.63
C LEU B 61 -0.86 3.43 -9.50
N SER B 62 -1.48 3.65 -8.33
CA SER B 62 -1.26 2.78 -7.18
C SER B 62 -2.48 1.87 -6.97
N SER B 63 -2.32 0.86 -6.13
CA SER B 63 -3.46 0.05 -5.65
C SER B 63 -3.64 0.17 -4.14
N MET B 64 -2.88 1.08 -3.52
CA MET B 64 -2.95 1.22 -2.05
C MET B 64 -4.32 1.71 -1.61
N THR B 65 -4.85 1.08 -0.58
CA THR B 65 -6.26 1.27 -0.20
C THR B 65 -6.43 1.48 1.31
N PRO B 66 -5.68 2.45 1.88
CA PRO B 66 -5.93 2.69 3.30
C PRO B 66 -7.35 3.24 3.44
N THR B 67 -8.09 2.67 4.40
CA THR B 67 -9.54 2.86 4.46
C THR B 67 -9.96 3.04 5.91
N ILE B 68 -10.95 3.92 6.14
CA ILE B 68 -11.57 4.04 7.46
C ILE B 68 -13.08 3.94 7.29
N LEU B 69 -13.70 3.06 8.08
CA LEU B 69 -15.16 2.89 8.06
C LEU B 69 -15.77 3.59 9.27
N PHE B 70 -16.92 4.23 9.02
CA PHE B 70 -17.62 5.03 10.03
C PHE B 70 -19.01 4.47 10.27
N LYS B 71 -19.46 4.55 11.52
CA LYS B 71 -20.84 4.23 11.86
C LYS B 71 -21.35 5.35 12.75
N ASP B 72 -22.53 5.87 12.43
CA ASP B 72 -23.12 6.99 13.17
C ASP B 72 -22.11 8.13 13.37
N ASP B 73 -21.46 8.50 12.27
CA ASP B 73 -20.51 9.62 12.19
C ASP B 73 -19.25 9.47 13.03
N LYS B 74 -18.96 8.24 13.48
CA LYS B 74 -17.75 7.98 14.24
C LYS B 74 -16.91 6.92 13.55
N PRO B 75 -15.56 7.06 13.57
CA PRO B 75 -14.74 6.02 12.96
C PRO B 75 -14.78 4.74 13.78
N VAL B 76 -15.03 3.61 13.13
CA VAL B 76 -15.15 2.35 13.85
C VAL B 76 -14.20 1.25 13.39
N LEU B 77 -13.61 1.39 12.20
CA LEU B 77 -12.73 0.33 11.70
C LEU B 77 -11.75 0.94 10.71
N THR B 78 -10.48 0.54 10.80
CA THR B 78 -9.49 0.88 9.79
C THR B 78 -9.06 -0.42 9.11
N VAL B 79 -8.84 -0.35 7.79
CA VAL B 79 -8.34 -1.51 7.04
C VAL B 79 -7.31 -1.03 6.01
N GLY B 80 -6.34 -1.88 5.73
CA GLY B 80 -5.38 -1.62 4.66
C GLY B 80 -4.47 -2.82 4.56
N SER B 81 -3.67 -2.84 3.49
CA SER B 81 -2.77 -3.97 3.22
C SER B 81 -1.72 -3.62 2.18
N PRO B 82 -0.57 -4.30 2.23
CA PRO B 82 0.35 -4.35 1.10
C PRO B 82 -0.08 -5.41 0.09
N GLY B 83 0.61 -5.47 -1.04
CA GLY B 83 0.38 -6.54 -2.02
C GLY B 83 0.11 -6.15 -3.46
N GLY B 84 0.53 -4.95 -3.87
CA GLY B 84 0.30 -4.50 -5.25
C GLY B 84 -1.16 -4.53 -5.60
N ALA B 85 -1.49 -5.03 -6.80
CA ALA B 85 -2.88 -5.05 -7.26
C ALA B 85 -3.78 -5.86 -6.33
N THR B 86 -3.18 -6.83 -5.62
CA THR B 86 -3.97 -7.68 -4.69
C THR B 86 -4.52 -6.92 -3.49
N ILE B 87 -3.97 -5.74 -3.19
CA ILE B 87 -4.40 -4.96 -2.02
C ILE B 87 -5.91 -4.76 -2.04
N ILE B 88 -6.46 -4.42 -3.20
CA ILE B 88 -7.87 -4.08 -3.29
C ILE B 88 -8.67 -5.30 -2.86
N SER B 89 -8.21 -6.48 -3.30
CA SER B 89 -8.86 -7.73 -2.93
C SER B 89 -8.73 -8.08 -1.44
N SER B 90 -7.57 -7.85 -0.85
CA SER B 90 -7.40 -8.12 0.59
C SER B 90 -8.28 -7.23 1.45
N VAL B 91 -8.36 -5.94 1.09
CA VAL B 91 -9.20 -5.01 1.83
C VAL B 91 -10.68 -5.38 1.63
N LEU B 92 -11.05 -5.68 0.39
CA LEU B 92 -12.40 -6.16 0.08
C LEU B 92 -12.79 -7.35 0.94
N GLN B 93 -11.96 -8.38 0.92
CA GLN B 93 -12.28 -9.62 1.64
C GLN B 93 -12.35 -9.43 3.16
N THR B 94 -11.44 -8.65 3.72
CA THR B 94 -11.50 -8.35 5.16
C THR B 94 -12.85 -7.72 5.54
N ILE B 95 -13.26 -6.71 4.77
CA ILE B 95 -14.53 -6.04 4.99
C ILE B 95 -15.70 -7.01 4.81
N LEU B 96 -15.66 -7.83 3.76
CA LEU B 96 -16.73 -8.82 3.55
C LEU B 96 -16.85 -9.78 4.73
N TYR B 97 -15.73 -10.31 5.20
CA TYR B 97 -15.78 -11.29 6.28
C TYR B 97 -16.23 -10.69 7.60
N HIS B 98 -15.76 -9.48 7.90
CA HIS B 98 -16.11 -8.82 9.15
C HIS B 98 -17.55 -8.31 9.15
N ILE B 99 -18.00 -7.75 8.02
CA ILE B 99 -19.28 -7.07 7.96
C ILE B 99 -20.39 -7.96 7.38
N GLU B 100 -20.21 -8.44 6.15
CA GLU B 100 -21.22 -9.29 5.50
C GLU B 100 -21.40 -10.62 6.23
N TYR B 101 -20.29 -11.24 6.62
CA TYR B 101 -20.35 -12.52 7.35
C TYR B 101 -20.36 -12.37 8.87
N GLY B 102 -20.15 -11.16 9.37
CA GLY B 102 -20.17 -10.90 10.82
C GLY B 102 -19.09 -11.59 11.64
N MET B 103 -17.96 -11.91 11.01
CA MET B 103 -16.86 -12.57 11.71
C MET B 103 -16.10 -11.63 12.62
N GLU B 104 -15.63 -12.18 13.74
CA GLU B 104 -14.75 -11.48 14.65
C GLU B 104 -13.53 -10.99 13.83
N LEU B 105 -12.97 -9.84 14.21
CA LEU B 105 -11.99 -9.15 13.35
C LEU B 105 -10.75 -9.98 13.00
N LYS B 106 -10.14 -10.62 14.00
CA LYS B 106 -8.99 -11.48 13.72
C LYS B 106 -9.36 -12.60 12.75
N ALA B 107 -10.51 -13.23 12.99
CA ALA B 107 -10.99 -14.28 12.12
C ALA B 107 -11.22 -13.79 10.69
N ALA B 108 -11.76 -12.57 10.57
CA ALA B 108 -11.99 -11.94 9.26
C ALA B 108 -10.67 -11.72 8.52
N VAL B 109 -9.66 -11.27 9.27
CA VAL B 109 -8.34 -11.04 8.72
C VAL B 109 -7.66 -12.35 8.27
N GLU B 110 -7.89 -13.42 9.05
CA GLU B 110 -7.23 -14.70 8.78
C GLU B 110 -7.97 -15.59 7.79
N GLU B 111 -9.20 -15.23 7.43
CA GLU B 111 -9.97 -16.04 6.48
C GLU B 111 -9.20 -16.14 5.16
N PRO B 112 -8.99 -17.38 4.65
CA PRO B 112 -8.21 -17.54 3.41
C PRO B 112 -8.74 -16.71 2.25
N ARG B 113 -7.82 -15.98 1.63
CA ARG B 113 -8.17 -15.06 0.54
C ARG B 113 -7.90 -15.68 -0.82
N ILE B 114 -8.58 -15.12 -1.82
CA ILE B 114 -8.21 -15.35 -3.23
C ILE B 114 -7.98 -14.00 -3.93
N TYR B 115 -7.36 -14.07 -5.10
CA TYR B 115 -7.15 -12.91 -5.95
C TYR B 115 -7.10 -13.37 -7.39
N THR B 116 -7.79 -12.67 -8.26
CA THR B 116 -7.61 -12.90 -9.68
C THR B 116 -7.97 -11.66 -10.47
N ASN B 117 -7.01 -11.14 -11.24
CA ASN B 117 -7.25 -9.92 -12.03
C ASN B 117 -7.55 -10.19 -13.49
N SER B 118 -7.32 -11.43 -13.94
CA SER B 118 -7.55 -11.82 -15.33
C SER B 118 -7.68 -13.35 -15.43
N MET B 119 -7.99 -13.81 -16.65
CA MET B 119 -8.18 -15.24 -16.89
C MET B 119 -6.89 -16.05 -16.78
N SER B 120 -5.76 -15.37 -16.69
CA SER B 120 -4.47 -16.05 -16.64
C SER B 120 -3.68 -15.75 -15.36
N SER B 121 -4.34 -15.14 -14.39
CA SER B 121 -3.67 -14.71 -13.16
C SER B 121 -4.56 -14.98 -11.97
N TYR B 122 -4.21 -16.03 -11.22
CA TYR B 122 -4.97 -16.48 -10.05
C TYR B 122 -4.05 -16.77 -8.89
N ARG B 123 -4.50 -16.38 -7.69
CA ARG B 123 -3.82 -16.73 -6.44
C ARG B 123 -4.86 -17.16 -5.42
N TYR B 124 -4.47 -18.10 -4.55
CA TYR B 124 -5.31 -18.48 -3.42
C TYR B 124 -4.43 -18.82 -2.23
N GLU B 125 -4.98 -18.63 -1.04
CA GLU B 125 -4.28 -18.94 0.20
C GLU B 125 -4.61 -20.35 0.69
N ASP B 126 -3.73 -20.89 1.52
CA ASP B 126 -3.96 -22.19 2.15
C ASP B 126 -5.27 -22.16 2.93
N GLY B 127 -6.11 -23.17 2.72
CA GLY B 127 -7.41 -23.20 3.37
C GLY B 127 -8.59 -23.08 2.42
N VAL B 128 -8.36 -22.53 1.23
CA VAL B 128 -9.37 -22.58 0.17
C VAL B 128 -9.47 -24.07 -0.21
N PRO B 129 -10.68 -24.65 -0.07
CA PRO B 129 -10.81 -26.12 -0.21
C PRO B 129 -10.43 -26.62 -1.59
N LYS B 130 -9.71 -27.75 -1.62
CA LYS B 130 -9.23 -28.36 -2.86
C LYS B 130 -10.38 -28.69 -3.81
N ASP B 131 -11.49 -29.18 -3.26
CA ASP B 131 -12.68 -29.53 -4.06
C ASP B 131 -13.31 -28.30 -4.72
N VAL B 132 -13.26 -27.16 -4.02
CA VAL B 132 -13.75 -25.89 -4.57
C VAL B 132 -12.88 -25.43 -5.74
N LEU B 133 -11.56 -25.48 -5.57
CA LEU B 133 -10.63 -25.13 -6.64
C LEU B 133 -10.83 -26.01 -7.87
N SER B 134 -11.04 -27.31 -7.64
CA SER B 134 -11.31 -28.26 -8.73
C SER B 134 -12.58 -27.87 -9.49
N LYS B 135 -13.65 -27.64 -8.74
CA LYS B 135 -14.95 -27.24 -9.29
C LYS B 135 -14.84 -25.97 -10.13
N LEU B 136 -14.19 -24.96 -9.58
CA LEU B 136 -14.04 -23.66 -10.26
C LEU B 136 -13.19 -23.78 -11.51
N ASN B 137 -12.09 -24.53 -11.43
CA ASN B 137 -11.26 -24.78 -12.61
C ASN B 137 -12.02 -25.55 -13.69
N GLY B 138 -12.89 -26.47 -13.27
CA GLY B 138 -13.77 -27.20 -14.18
C GLY B 138 -14.67 -26.28 -14.98
N MET B 139 -15.00 -25.13 -14.39
CA MET B 139 -15.88 -24.13 -15.02
C MET B 139 -15.14 -23.12 -15.89
N GLY B 140 -13.80 -23.14 -15.82
CA GLY B 140 -13.02 -22.26 -16.68
C GLY B 140 -12.00 -21.42 -15.95
N HIS B 141 -12.01 -21.45 -14.61
CA HIS B 141 -10.99 -20.73 -13.86
C HIS B 141 -9.63 -21.43 -13.97
N LYS B 142 -8.58 -20.74 -13.51
CA LYS B 142 -7.20 -21.18 -13.71
C LYS B 142 -6.38 -21.08 -12.44
N PHE B 143 -6.95 -21.52 -11.32
CA PHE B 143 -6.22 -21.61 -10.07
C PHE B 143 -5.06 -22.59 -10.23
N GLY B 144 -3.92 -22.25 -9.63
CA GLY B 144 -2.71 -23.07 -9.72
C GLY B 144 -2.66 -24.22 -8.74
N THR B 145 -1.52 -24.89 -8.68
CA THR B 145 -1.38 -26.11 -7.87
C THR B 145 -0.91 -25.85 -6.43
N SER B 146 -0.46 -24.63 -6.15
CA SER B 146 0.02 -24.31 -4.80
C SER B 146 -0.52 -22.98 -4.26
N PRO B 147 -0.78 -22.94 -2.95
CA PRO B 147 -1.25 -21.71 -2.32
C PRO B 147 -0.13 -20.70 -2.12
N VAL B 148 -0.50 -19.44 -1.96
CA VAL B 148 0.43 -18.37 -1.61
C VAL B 148 -0.26 -17.46 -0.60
N ASP B 149 0.51 -16.79 0.25
CA ASP B 149 -0.08 -15.77 1.13
C ASP B 149 -0.45 -14.54 0.30
N ILE B 150 -1.59 -13.95 0.63
CA ILE B 150 -2.10 -12.76 -0.05
C ILE B 150 -2.32 -11.66 0.97
N GLY B 151 -1.52 -10.59 0.85
CA GLY B 151 -1.66 -9.40 1.68
C GLY B 151 -1.23 -9.58 3.12
N ASN B 152 -1.45 -8.53 3.90
CA ASN B 152 -1.03 -8.45 5.28
C ASN B 152 -1.81 -7.34 5.93
N VAL B 153 -3.00 -7.66 6.40
CA VAL B 153 -3.93 -6.64 6.89
C VAL B 153 -3.69 -6.32 8.37
N GLN B 154 -3.35 -5.06 8.65
CA GLN B 154 -3.45 -4.51 10.01
C GLN B 154 -4.74 -3.72 10.09
N SER B 155 -5.42 -3.84 11.23
CA SER B 155 -6.75 -3.25 11.40
C SER B 155 -6.98 -2.86 12.85
N ILE B 156 -7.67 -1.74 13.04
CA ILE B 156 -8.14 -1.32 14.36
C ILE B 156 -9.65 -1.16 14.34
N SER B 157 -10.31 -1.69 15.39
CA SER B 157 -11.73 -1.51 15.60
C SER B 157 -11.91 -0.62 16.83
N ILE B 158 -12.91 0.25 16.79
CA ILE B 158 -13.14 1.18 17.89
C ILE B 158 -14.57 1.05 18.37
N ASP B 159 -14.72 0.80 19.67
CA ASP B 159 -16.02 0.66 20.32
C ASP B 159 -16.28 1.92 21.13
N HIS B 160 -17.14 2.79 20.59
CA HIS B 160 -17.42 4.08 21.20
C HIS B 160 -18.40 3.98 22.38
N GLU B 161 -19.14 2.88 22.44
CA GLU B 161 -20.05 2.63 23.56
C GLU B 161 -19.25 2.34 24.82
N ASN B 162 -18.30 1.42 24.71
CA ASN B 162 -17.51 0.95 25.84
C ASN B 162 -16.16 1.66 26.01
N GLY B 163 -15.81 2.50 25.04
CA GLY B 163 -14.56 3.27 25.07
C GLY B 163 -13.33 2.39 24.99
N THR B 164 -13.34 1.46 24.03
CA THR B 164 -12.20 0.55 23.89
C THR B 164 -11.75 0.45 22.44
N PHE B 165 -10.50 0.01 22.27
CA PHE B 165 -9.90 -0.20 20.95
C PHE B 165 -9.46 -1.66 20.86
N LYS B 166 -9.51 -2.20 19.65
CA LYS B 166 -8.99 -3.52 19.36
C LYS B 166 -8.09 -3.40 18.15
N GLY B 167 -6.88 -3.94 18.25
CA GLY B 167 -5.95 -3.97 17.13
C GLY B 167 -5.64 -5.38 16.71
N VAL B 168 -5.45 -5.56 15.39
CA VAL B 168 -5.22 -6.86 14.79
C VAL B 168 -4.08 -6.75 13.80
N ALA B 169 -3.13 -7.68 13.88
CA ALA B 169 -2.08 -7.84 12.89
C ALA B 169 -2.27 -9.21 12.21
N ASP B 170 -2.06 -9.24 10.89
CA ASP B 170 -2.22 -10.42 10.05
C ASP B 170 -1.04 -11.38 10.28
N SER B 171 -1.35 -12.68 10.35
CA SER B 171 -0.31 -13.69 10.57
C SER B 171 0.68 -13.85 9.42
N SER B 172 0.41 -13.22 8.27
CA SER B 172 1.32 -13.34 7.12
C SER B 172 2.67 -12.63 7.30
N ARG B 173 2.74 -11.77 8.32
CA ARG B 173 4.01 -11.18 8.76
C ARG B 173 4.06 -11.25 10.28
N ASN B 174 5.17 -10.84 10.89
CA ASN B 174 5.33 -10.91 12.34
C ASN B 174 4.86 -9.64 13.04
N GLY B 175 3.74 -9.09 12.57
CA GLY B 175 3.22 -7.85 13.11
C GLY B 175 2.77 -7.95 14.56
N ALA B 176 2.65 -6.80 15.20
CA ALA B 176 2.17 -6.74 16.58
C ALA B 176 1.13 -5.65 16.77
N ALA B 177 0.09 -5.98 17.52
CA ALA B 177 -0.90 -5.01 17.97
C ALA B 177 -0.57 -4.68 19.43
N ILE B 178 -0.51 -3.40 19.76
CA ILE B 178 -0.25 -2.97 21.14
C ILE B 178 -1.26 -1.92 21.59
N GLY B 179 -2.06 -2.28 22.59
CA GLY B 179 -3.03 -1.37 23.17
C GLY B 179 -2.41 -0.45 24.22
N ILE B 180 -3.05 0.70 24.41
CA ILE B 180 -2.56 1.69 25.36
C ILE B 180 -3.55 1.79 26.51
N ASN B 181 -3.04 1.63 27.73
CA ASN B 181 -3.83 1.80 28.95
C ASN B 181 -3.01 2.71 29.84
N LEU B 182 -3.36 4.00 29.83
CA LEU B 182 -2.51 5.01 30.44
C LEU B 182 -2.50 4.99 31.96
N LYS B 183 -1.31 5.27 32.50
CA LYS B 183 -1.02 5.49 33.93
C LYS B 183 -0.73 4.20 34.67
#